data_4KOP
#
_entry.id   4KOP
#
_cell.length_a   63.470
_cell.length_b   72.661
_cell.length_c   136.834
_cell.angle_alpha   90.00
_cell.angle_beta   90.00
_cell.angle_gamma   90.00
#
_symmetry.space_group_name_H-M   'P 21 21 21'
#
loop_
_entity.id
_entity.type
_entity.pdbx_description
1 polymer 'Single-stranded DNA-binding protein WHY2, mitochondrial'
2 non-polymer '3[N-MORPHOLINO]PROPANE SULFONIC ACID'
3 water water
#
_entity_poly.entity_id   1
_entity_poly.type   'polypeptide(L)'
_entity_poly.pdbx_seq_one_letter_code
;MKDAAKPSGRLFAPYSIFKGKAALSVEPVLPSFTEIDSGNLRIDRRGSLMMTFMPAIGERKYDWEKKQKFALSPTEVGSL
ISMGSKDSSEFFHDPSMKSSNAGQVRKSLSVKPHADGSGYFISLSVNNSILKTNDYFVVPVTKAEFAVMKTAFSFALPHI
MGWNRLTGHLEHHHHHH
;
_entity_poly.pdbx_strand_id   A,B,C,D
#
# COMPACT_ATOMS: atom_id res chain seq x y z
N ARG A 10 -10.49 2.33 24.81
CA ARG A 10 -10.83 2.00 23.42
C ARG A 10 -11.05 3.26 22.60
N LEU A 11 -10.31 3.35 21.50
CA LEU A 11 -10.53 4.33 20.43
C LEU A 11 -11.48 3.70 19.41
N PHE A 12 -12.43 4.48 18.92
CA PHE A 12 -13.36 4.03 17.89
C PHE A 12 -13.06 4.88 16.67
N ALA A 13 -12.89 4.26 15.52
CA ALA A 13 -12.80 5.01 14.26
C ALA A 13 -13.32 4.17 13.05
N PRO A 14 -14.58 3.79 13.11
CA PRO A 14 -15.10 2.98 12.01
C PRO A 14 -15.22 3.81 10.73
N TYR A 15 -15.15 3.12 9.61
CA TYR A 15 -15.53 3.68 8.33
C TYR A 15 -16.97 3.26 8.14
N SER A 16 -17.85 4.26 8.03
CA SER A 16 -19.28 3.99 7.98
C SER A 16 -19.95 4.53 6.70
N ILE A 17 -20.91 3.76 6.18
CA ILE A 17 -21.67 4.05 4.96
C ILE A 17 -23.15 3.94 5.33
N PHE A 18 -23.93 5.01 5.09
CA PHE A 18 -25.31 5.11 5.55
C PHE A 18 -26.21 5.21 4.32
N LYS A 19 -27.06 4.21 4.14
CA LYS A 19 -27.84 4.13 2.92
C LYS A 19 -29.31 3.91 3.22
N GLY A 20 -30.10 3.68 2.16
CA GLY A 20 -31.55 3.67 2.31
C GLY A 20 -32.19 2.69 3.27
N LYS A 21 -31.76 1.45 3.25
CA LYS A 21 -32.33 0.40 4.05
C LYS A 21 -31.47 0.00 5.24
N ALA A 22 -30.20 0.36 5.21
CA ALA A 22 -29.27 -0.07 6.25
C ALA A 22 -27.98 0.79 6.18
N ALA A 23 -27.20 0.66 7.26
CA ALA A 23 -25.88 1.22 7.40
C ALA A 23 -24.87 0.12 7.64
N LEU A 24 -23.65 0.33 7.16
CA LEU A 24 -22.55 -0.57 7.38
C LEU A 24 -21.39 0.22 7.98
N SER A 25 -20.80 -0.31 9.05
CA SER A 25 -19.58 0.24 9.64
C SER A 25 -18.53 -0.87 9.64
N VAL A 26 -17.30 -0.52 9.29
CA VAL A 26 -16.22 -1.49 9.27
C VAL A 26 -15.06 -0.93 10.07
N GLU A 27 -14.41 -1.81 10.82
CA GLU A 27 -13.33 -1.42 11.73
C GLU A 27 -12.47 -2.64 12.04
N PRO A 28 -11.14 -2.47 12.14
CA PRO A 28 -10.28 -3.60 12.54
C PRO A 28 -10.44 -3.91 13.99
N VAL A 29 -10.30 -5.19 14.34
CA VAL A 29 -10.23 -5.66 15.72
C VAL A 29 -8.86 -6.30 15.86
N LEU A 30 -7.99 -5.72 16.69
CA LEU A 30 -6.66 -6.28 16.87
C LEU A 30 -6.75 -7.38 17.92
N PRO A 31 -5.88 -8.39 17.81
CA PRO A 31 -5.96 -9.44 18.82
C PRO A 31 -5.63 -8.81 20.16
N SER A 32 -6.40 -9.12 21.21
CA SER A 32 -6.19 -8.48 22.50
C SER A 32 -6.72 -9.35 23.64
N PHE A 33 -6.27 -9.02 24.85
CA PHE A 33 -6.65 -9.73 26.10
C PHE A 33 -6.85 -8.66 27.14
N THR A 34 -8.10 -8.46 27.55
CA THR A 34 -8.52 -7.31 28.35
C THR A 34 -9.15 -7.69 29.69
N GLU A 35 -8.59 -7.17 30.78
CA GLU A 35 -9.15 -7.46 32.11
C GLU A 35 -10.26 -6.48 32.49
N ILE A 36 -11.31 -7.00 33.10
CA ILE A 36 -12.39 -6.16 33.63
C ILE A 36 -12.84 -6.75 34.97
N ASP A 37 -13.76 -6.06 35.63
CA ASP A 37 -14.42 -6.60 36.82
C ASP A 37 -13.39 -7.00 37.88
N SER A 38 -12.41 -6.12 38.08
CA SER A 38 -11.37 -6.31 39.09
C SER A 38 -10.38 -7.45 38.75
N GLY A 39 -10.44 -7.95 37.53
CA GLY A 39 -9.53 -8.98 37.10
C GLY A 39 -10.14 -10.37 37.13
N ASN A 40 -11.39 -10.47 37.57
CA ASN A 40 -12.07 -11.77 37.63
C ASN A 40 -12.45 -12.31 36.26
N LEU A 41 -12.74 -11.38 35.34
CA LEU A 41 -13.07 -11.72 33.96
C LEU A 41 -12.04 -11.13 32.98
N ARG A 42 -11.70 -11.91 31.96
CA ARG A 42 -10.80 -11.42 30.91
C ARG A 42 -11.42 -11.62 29.51
N ILE A 43 -11.33 -10.59 28.67
CA ILE A 43 -11.92 -10.70 27.34
C ILE A 43 -10.82 -10.91 26.32
N ASP A 44 -10.91 -12.03 25.61
CA ASP A 44 -9.96 -12.41 24.60
C ASP A 44 -10.61 -12.16 23.22
N ARG A 45 -9.98 -11.30 22.41
CA ARG A 45 -10.47 -10.99 21.07
C ARG A 45 -9.47 -11.43 20.03
N ARG A 46 -9.95 -12.10 18.98
CA ARG A 46 -9.09 -12.51 17.89
C ARG A 46 -9.01 -11.36 16.89
N GLY A 47 -7.94 -11.32 16.10
CA GLY A 47 -7.83 -10.34 15.02
C GLY A 47 -8.88 -10.60 13.95
N SER A 48 -9.59 -9.54 13.59
CA SER A 48 -10.55 -9.63 12.50
C SER A 48 -10.83 -8.25 11.91
N LEU A 49 -11.57 -8.22 10.80
CA LEU A 49 -12.13 -6.98 10.26
C LEU A 49 -13.63 -7.08 10.55
N MET A 50 -14.11 -6.27 11.49
CA MET A 50 -15.50 -6.37 11.95
C MET A 50 -16.46 -5.53 11.13
N MET A 51 -17.48 -6.18 10.58
CA MET A 51 -18.47 -5.48 9.78
C MET A 51 -19.78 -5.43 10.62
N THR A 52 -20.29 -4.23 10.83
CA THR A 52 -21.51 -4.05 11.62
C THR A 52 -22.59 -3.41 10.75
N PHE A 53 -23.74 -4.06 10.70
CA PHE A 53 -24.87 -3.61 9.93
C PHE A 53 -26.01 -3.22 10.87
N MET A 54 -26.68 -2.14 10.54
CA MET A 54 -27.89 -1.82 11.28
C MET A 54 -29.00 -1.38 10.34
N PRO A 55 -30.26 -1.72 10.71
CA PRO A 55 -31.37 -1.42 9.81
C PRO A 55 -31.84 0.01 9.90
N ALA A 56 -32.29 0.56 8.79
CA ALA A 56 -32.87 1.89 8.78
C ALA A 56 -34.23 1.84 9.47
N ILE A 57 -34.57 2.95 10.10
CA ILE A 57 -35.88 3.05 10.75
C ILE A 57 -36.65 4.28 10.30
N GLY A 58 -36.12 5.00 9.33
CA GLY A 58 -36.83 6.13 8.76
C GLY A 58 -36.27 7.45 9.21
N GLU A 59 -36.56 8.49 8.44
CA GLU A 59 -36.03 9.83 8.66
C GLU A 59 -34.50 9.79 8.77
N ARG A 60 -33.89 8.91 7.98
CA ARG A 60 -32.43 8.81 7.88
C ARG A 60 -31.73 8.33 9.18
N LYS A 61 -32.45 7.56 9.98
CA LYS A 61 -31.85 7.03 11.20
C LYS A 61 -31.81 5.52 11.17
N TYR A 62 -31.06 4.95 12.11
CA TYR A 62 -30.83 3.50 12.12
C TYR A 62 -30.99 2.96 13.51
N ASP A 63 -31.32 1.68 13.61
CA ASP A 63 -31.56 1.08 14.91
C ASP A 63 -30.30 0.38 15.43
N TRP A 64 -29.61 1.06 16.32
CA TRP A 64 -28.39 0.56 16.94
C TRP A 64 -28.60 -0.72 17.74
N GLU A 65 -29.75 -0.83 18.39
CA GLU A 65 -30.02 -1.97 19.23
C GLU A 65 -30.22 -3.23 18.39
N LYS A 66 -30.54 -3.06 17.11
CA LYS A 66 -30.79 -4.19 16.23
C LYS A 66 -29.58 -4.53 15.34
N LYS A 67 -28.44 -3.94 15.66
CA LYS A 67 -27.24 -4.16 14.82
C LYS A 67 -26.82 -5.64 14.84
N GLN A 68 -26.26 -6.11 13.73
CA GLN A 68 -25.69 -7.45 13.65
C GLN A 68 -24.33 -7.39 13.02
N LYS A 69 -23.46 -8.30 13.39
CA LYS A 69 -22.06 -8.21 13.00
C LYS A 69 -21.63 -9.45 12.19
N PHE A 70 -20.52 -9.29 11.47
CA PHE A 70 -19.88 -10.35 10.73
C PHE A 70 -18.38 -10.06 10.76
N ALA A 71 -17.60 -10.96 11.36
CA ALA A 71 -16.17 -10.75 11.54
C ALA A 71 -15.38 -11.45 10.44
N LEU A 72 -14.66 -10.69 9.64
CA LEU A 72 -13.83 -11.29 8.56
C LEU A 72 -12.49 -11.76 9.11
N SER A 73 -12.15 -13.00 8.79
CA SER A 73 -10.80 -13.51 8.99
C SER A 73 -9.83 -12.83 8.03
N PRO A 74 -8.52 -12.97 8.30
CA PRO A 74 -7.50 -12.51 7.37
C PRO A 74 -7.71 -12.99 5.94
N THR A 75 -8.02 -14.28 5.80
CA THR A 75 -8.30 -14.82 4.48
C THR A 75 -9.49 -14.18 3.78
N GLU A 76 -10.56 -13.92 4.53
CA GLU A 76 -11.71 -13.24 4.01
C GLU A 76 -11.41 -11.82 3.64
N VAL A 77 -10.58 -11.15 4.45
CA VAL A 77 -10.10 -9.84 4.06
C VAL A 77 -9.34 -9.91 2.73
N GLY A 78 -8.46 -10.90 2.56
CA GLY A 78 -7.77 -11.11 1.31
C GLY A 78 -8.71 -11.29 0.14
N SER A 79 -9.81 -12.01 0.36
CA SER A 79 -10.83 -12.18 -0.66
C SER A 79 -11.31 -10.80 -1.15
N LEU A 80 -11.64 -9.91 -0.22
CA LEU A 80 -12.15 -8.59 -0.60
C LEU A 80 -11.09 -7.72 -1.28
N ILE A 81 -9.87 -7.70 -0.73
CA ILE A 81 -8.78 -6.91 -1.28
C ILE A 81 -8.49 -7.31 -2.73
N SER A 82 -8.72 -8.58 -3.03
CA SER A 82 -8.40 -9.17 -4.34
C SER A 82 -9.48 -8.88 -5.41
N MET A 83 -10.58 -8.27 -5.02
CA MET A 83 -11.72 -8.06 -5.93
C MET A 83 -11.55 -6.86 -6.83
N GLY A 84 -11.75 -7.07 -8.12
CA GLY A 84 -11.97 -5.96 -9.03
C GLY A 84 -13.45 -5.69 -9.24
N SER A 85 -13.75 -4.84 -10.20
CA SER A 85 -15.11 -4.33 -10.36
C SER A 85 -16.09 -5.38 -10.84
N LYS A 86 -15.58 -6.51 -11.33
CA LYS A 86 -16.44 -7.58 -11.83
C LYS A 86 -16.46 -8.84 -10.95
N ASP A 87 -15.74 -8.79 -9.83
CA ASP A 87 -15.64 -9.90 -8.91
C ASP A 87 -16.70 -9.93 -7.81
N SER A 88 -16.91 -11.11 -7.24
CA SER A 88 -17.86 -11.32 -6.15
C SER A 88 -17.16 -12.08 -5.02
N SER A 89 -17.69 -11.96 -3.81
CA SER A 89 -17.28 -12.81 -2.68
C SER A 89 -18.53 -13.18 -1.87
N GLU A 90 -18.54 -14.38 -1.33
CA GLU A 90 -19.62 -14.80 -0.44
C GLU A 90 -18.95 -15.61 0.64
N PHE A 91 -19.30 -15.32 1.90
CA PHE A 91 -18.74 -16.00 3.04
C PHE A 91 -19.87 -16.55 3.93
N PHE A 92 -19.64 -17.73 4.49
CA PHE A 92 -20.64 -18.40 5.34
C PHE A 92 -20.04 -18.72 6.71
N HIS A 93 -20.67 -18.21 7.75
CA HIS A 93 -20.22 -18.52 9.10
C HIS A 93 -21.33 -19.25 9.83
N ASP A 94 -21.04 -20.50 10.17
CA ASP A 94 -21.87 -21.29 11.09
C ASP A 94 -21.16 -21.40 12.45
N PRO A 95 -21.27 -20.35 13.28
CA PRO A 95 -20.65 -20.40 14.62
C PRO A 95 -21.49 -21.20 15.61
N GLN A 104 -28.68 -21.87 17.20
CA GLN A 104 -28.04 -22.15 15.92
C GLN A 104 -28.14 -20.94 14.97
N VAL A 105 -27.21 -20.01 15.12
CA VAL A 105 -27.17 -18.79 14.31
C VAL A 105 -26.26 -19.00 13.11
N ARG A 106 -26.81 -18.78 11.93
CA ARG A 106 -26.04 -18.95 10.70
C ARG A 106 -25.97 -17.59 9.98
N LYS A 107 -24.79 -17.20 9.53
CA LYS A 107 -24.65 -15.90 8.85
C LYS A 107 -23.98 -16.01 7.47
N SER A 108 -24.49 -15.21 6.55
CA SER A 108 -23.96 -15.13 5.18
C SER A 108 -23.68 -13.68 4.82
N LEU A 109 -22.47 -13.43 4.32
CA LEU A 109 -22.08 -12.13 3.81
C LEU A 109 -21.81 -12.25 2.32
N SER A 110 -22.45 -11.37 1.55
CA SER A 110 -22.34 -11.34 0.11
C SER A 110 -21.84 -9.95 -0.36
N VAL A 111 -20.84 -9.97 -1.24
CA VAL A 111 -20.39 -8.78 -1.95
C VAL A 111 -20.50 -9.05 -3.44
N LYS A 112 -21.49 -8.43 -4.05
CA LYS A 112 -21.84 -8.66 -5.47
C LYS A 112 -21.83 -7.40 -6.32
N PRO A 113 -21.15 -7.45 -7.48
CA PRO A 113 -20.95 -6.24 -8.27
C PRO A 113 -22.18 -5.87 -9.11
N HIS A 114 -22.47 -4.57 -9.20
CA HIS A 114 -23.44 -4.09 -10.19
C HIS A 114 -22.91 -4.37 -11.61
N ALA A 115 -23.84 -4.60 -12.54
CA ALA A 115 -23.45 -4.93 -13.88
C ALA A 115 -22.57 -3.87 -14.58
N ASP A 116 -22.75 -2.61 -14.23
CA ASP A 116 -22.03 -1.54 -14.88
C ASP A 116 -20.65 -1.27 -14.26
N GLY A 117 -20.28 -2.06 -13.26
CA GLY A 117 -18.98 -1.90 -12.63
C GLY A 117 -18.90 -0.70 -11.72
N SER A 118 -20.06 -0.15 -11.35
CA SER A 118 -20.06 1.10 -10.60
C SER A 118 -20.00 0.94 -9.06
N GLY A 119 -20.05 -0.28 -8.58
CA GLY A 119 -20.09 -0.59 -7.16
C GLY A 119 -20.64 -1.98 -6.89
N TYR A 120 -21.15 -2.18 -5.67
CA TYR A 120 -21.55 -3.46 -5.17
C TYR A 120 -22.75 -3.34 -4.23
N PHE A 121 -23.48 -4.43 -4.09
CA PHE A 121 -24.33 -4.64 -2.92
C PHE A 121 -23.56 -5.48 -1.92
N ILE A 122 -23.43 -4.96 -0.71
CA ILE A 122 -22.96 -5.72 0.41
C ILE A 122 -24.13 -6.07 1.34
N SER A 123 -24.38 -7.36 1.51
CA SER A 123 -25.48 -7.78 2.35
C SER A 123 -25.09 -8.82 3.39
N LEU A 124 -25.82 -8.81 4.48
CA LEU A 124 -25.67 -9.75 5.53
C LEU A 124 -27.01 -10.43 5.83
N SER A 125 -27.00 -11.75 5.82
CA SER A 125 -28.18 -12.57 6.12
C SER A 125 -27.94 -13.34 7.38
N VAL A 126 -28.87 -13.26 8.32
CA VAL A 126 -28.72 -13.92 9.59
C VAL A 126 -29.92 -14.85 9.83
N ASN A 127 -29.64 -16.13 10.01
CA ASN A 127 -30.70 -17.10 10.22
C ASN A 127 -30.59 -17.66 11.61
N ASN A 128 -31.63 -17.41 12.39
CA ASN A 128 -31.68 -17.94 13.74
C ASN A 128 -32.74 -19.04 13.79
N SER A 129 -32.32 -20.28 13.57
CA SER A 129 -33.24 -21.41 13.56
C SER A 129 -33.95 -21.51 14.91
N ILE A 130 -33.21 -21.22 15.97
CA ILE A 130 -33.75 -21.27 17.33
C ILE A 130 -34.94 -20.34 17.51
N LEU A 131 -34.70 -19.04 17.40
CA LEU A 131 -35.76 -18.06 17.57
C LEU A 131 -36.64 -17.95 16.33
N LYS A 132 -36.42 -18.85 15.37
CA LYS A 132 -37.14 -18.86 14.10
C LYS A 132 -37.07 -17.52 13.34
N THR A 133 -35.98 -16.78 13.49
CA THR A 133 -35.88 -15.47 12.86
C THR A 133 -34.91 -15.45 11.68
N ASN A 134 -35.13 -14.48 10.83
CA ASN A 134 -34.34 -14.29 9.64
C ASN A 134 -34.16 -12.79 9.48
N ASP A 135 -32.93 -12.31 9.45
CA ASP A 135 -32.72 -10.87 9.27
C ASP A 135 -31.83 -10.63 8.05
N TYR A 136 -32.09 -9.54 7.36
CA TYR A 136 -31.36 -9.24 6.14
C TYR A 136 -31.04 -7.76 6.08
N PHE A 137 -29.79 -7.43 5.80
CA PHE A 137 -29.33 -6.06 5.74
C PHE A 137 -28.55 -5.91 4.44
N VAL A 138 -28.90 -4.91 3.65
CA VAL A 138 -28.20 -4.63 2.41
C VAL A 138 -27.77 -3.19 2.31
N VAL A 139 -26.51 -2.98 1.95
CA VAL A 139 -25.97 -1.68 1.75
C VAL A 139 -25.26 -1.61 0.41
N PRO A 140 -25.70 -0.72 -0.49
CA PRO A 140 -24.92 -0.51 -1.69
C PRO A 140 -23.64 0.25 -1.34
N VAL A 141 -22.59 -0.02 -2.09
CA VAL A 141 -21.30 0.60 -1.90
C VAL A 141 -20.81 0.99 -3.27
N THR A 142 -20.43 2.26 -3.44
CA THR A 142 -19.91 2.74 -4.69
C THR A 142 -18.50 2.26 -4.91
N LYS A 143 -18.04 2.42 -6.14
CA LYS A 143 -16.67 2.09 -6.46
C LYS A 143 -15.71 2.85 -5.51
N ALA A 144 -16.01 4.11 -5.23
CA ALA A 144 -15.15 4.92 -4.35
C ALA A 144 -15.10 4.34 -2.93
N GLU A 145 -16.27 4.03 -2.41
CA GLU A 145 -16.38 3.47 -1.06
C GLU A 145 -15.65 2.12 -0.93
N PHE A 146 -15.78 1.27 -1.94
CA PHE A 146 -15.09 -0.01 -1.94
C PHE A 146 -13.57 0.17 -2.04
N ALA A 147 -13.15 1.18 -2.79
CA ALA A 147 -11.72 1.53 -2.87
C ALA A 147 -11.18 1.91 -1.47
N VAL A 148 -11.95 2.68 -0.71
CA VAL A 148 -11.59 2.97 0.69
C VAL A 148 -11.44 1.67 1.48
N MET A 149 -12.41 0.78 1.32
CA MET A 149 -12.37 -0.49 2.04
C MET A 149 -11.12 -1.29 1.65
N LYS A 150 -10.84 -1.43 0.37
CA LYS A 150 -9.68 -2.24 -0.02
C LYS A 150 -8.38 -1.63 0.53
N THR A 151 -8.25 -0.30 0.42
CA THR A 151 -7.03 0.37 0.89
C THR A 151 -6.90 0.27 2.41
N ALA A 152 -7.96 0.58 3.12
CA ALA A 152 -7.94 0.52 4.58
C ALA A 152 -7.76 -0.91 5.09
N PHE A 153 -8.43 -1.84 4.42
CA PHE A 153 -8.33 -3.25 4.80
C PHE A 153 -6.90 -3.73 4.58
N SER A 154 -6.30 -3.35 3.46
CA SER A 154 -4.92 -3.72 3.18
C SER A 154 -3.98 -3.17 4.25
N PHE A 155 -4.19 -1.92 4.63
CA PHE A 155 -3.40 -1.32 5.70
C PHE A 155 -3.54 -2.12 7.00
N ALA A 156 -4.77 -2.49 7.35
CA ALA A 156 -5.06 -3.14 8.63
C ALA A 156 -4.61 -4.60 8.69
N LEU A 157 -4.60 -5.26 7.54
CA LEU A 157 -4.40 -6.72 7.48
C LEU A 157 -3.17 -7.22 8.26
N PRO A 158 -1.99 -6.65 8.00
CA PRO A 158 -0.83 -7.13 8.79
C PRO A 158 -1.01 -6.93 10.29
N HIS A 159 -1.71 -5.88 10.69
CA HIS A 159 -1.95 -5.62 12.11
C HIS A 159 -2.92 -6.63 12.74
N ILE A 160 -3.99 -6.96 12.02
CA ILE A 160 -4.89 -8.00 12.48
C ILE A 160 -4.24 -9.38 12.54
N MET A 161 -3.21 -9.58 11.70
CA MET A 161 -2.44 -10.81 11.68
C MET A 161 -1.39 -10.85 12.77
N GLY A 162 -1.22 -9.73 13.45
CA GLY A 162 -0.23 -9.62 14.51
C GLY A 162 1.19 -9.28 14.08
N TRP A 163 1.39 -8.84 12.83
CA TRP A 163 2.71 -8.59 12.31
C TRP A 163 3.16 -7.15 12.71
N ASN A 164 3.29 -6.90 14.00
CA ASN A 164 3.70 -5.58 14.47
C ASN A 164 4.32 -5.63 15.86
N ARG A 165 4.65 -4.45 16.40
CA ARG A 165 5.31 -4.35 17.70
C ARG A 165 4.34 -4.44 18.90
N LEU A 166 3.06 -4.19 18.67
CA LEU A 166 2.05 -4.30 19.73
C LEU A 166 1.77 -5.76 20.10
N THR A 167 1.62 -6.57 19.06
CA THR A 167 1.29 -7.98 19.22
C THR A 167 2.53 -8.86 19.09
N GLY A 168 3.45 -8.46 18.21
CA GLY A 168 4.68 -9.21 18.03
C GLY A 168 5.49 -9.16 19.31
N HIS A 169 6.29 -10.18 19.52
CA HIS A 169 7.14 -10.24 20.71
C HIS A 169 8.47 -9.56 20.44
N LEU A 170 8.40 -8.22 20.31
CA LEU A 170 9.53 -7.38 19.93
C LEU A 170 9.89 -6.42 21.05
N GLU A 171 11.15 -6.37 21.46
CA GLU A 171 11.57 -5.31 22.37
C GLU A 171 12.38 -4.27 21.62
N ARG B 10 1.25 23.31 12.27
CA ARG B 10 2.58 23.29 12.90
C ARG B 10 3.62 23.04 11.83
N LEU B 11 3.81 21.78 11.45
CA LEU B 11 4.70 21.46 10.34
C LEU B 11 3.88 21.31 9.06
N PHE B 12 4.29 21.99 8.00
CA PHE B 12 3.61 21.90 6.70
C PHE B 12 4.52 21.20 5.68
N ALA B 13 3.91 20.31 4.87
CA ALA B 13 4.67 19.51 3.91
C ALA B 13 3.78 19.17 2.71
N PRO B 14 3.18 20.18 2.06
CA PRO B 14 2.30 19.88 0.93
C PRO B 14 3.06 19.31 -0.27
N TYR B 15 2.36 18.54 -1.08
CA TYR B 15 2.84 18.21 -2.39
C TYR B 15 2.23 19.26 -3.28
N SER B 16 3.08 19.98 -4.01
CA SER B 16 2.62 21.13 -4.79
C SER B 16 2.97 21.00 -6.27
N ILE B 17 2.02 21.36 -7.12
CA ILE B 17 2.15 21.36 -8.57
C ILE B 17 1.94 22.81 -9.06
N PHE B 18 2.95 23.37 -9.73
CA PHE B 18 2.87 24.76 -10.21
C PHE B 18 2.76 24.78 -11.72
N LYS B 19 1.66 25.33 -12.24
CA LYS B 19 1.40 25.30 -13.68
C LYS B 19 1.10 26.71 -14.18
N GLY B 20 0.72 26.82 -15.44
CA GLY B 20 0.65 28.10 -16.13
C GLY B 20 -0.32 29.10 -15.54
N LYS B 21 -1.49 28.61 -15.16
CA LYS B 21 -2.60 29.45 -14.76
C LYS B 21 -2.86 29.38 -13.27
N ALA B 22 -2.35 28.33 -12.63
CA ALA B 22 -2.59 28.12 -11.20
C ALA B 22 -1.67 27.06 -10.64
N ALA B 23 -1.68 26.97 -9.32
CA ALA B 23 -0.97 25.92 -8.60
C ALA B 23 -1.93 25.16 -7.68
N LEU B 24 -1.57 23.92 -7.43
CA LEU B 24 -2.33 23.03 -6.56
C LEU B 24 -1.39 22.50 -5.50
N SER B 25 -1.84 22.50 -4.25
CA SER B 25 -1.10 21.90 -3.16
C SER B 25 -2.06 20.94 -2.44
N VAL B 26 -1.53 19.79 -2.04
CA VAL B 26 -2.36 18.81 -1.35
C VAL B 26 -1.64 18.36 -0.09
N GLU B 27 -2.43 18.11 0.95
CA GLU B 27 -1.89 17.79 2.24
C GLU B 27 -2.96 17.13 3.09
N PRO B 28 -2.60 16.06 3.81
CA PRO B 28 -3.58 15.43 4.73
C PRO B 28 -3.86 16.27 5.96
N VAL B 29 -5.08 16.16 6.45
CA VAL B 29 -5.50 16.74 7.73
C VAL B 29 -6.02 15.59 8.57
N LEU B 30 -5.41 15.37 9.72
CA LEU B 30 -5.76 14.25 10.56
C LEU B 30 -7.02 14.55 11.32
N PRO B 31 -7.76 13.51 11.63
CA PRO B 31 -8.89 13.68 12.54
C PRO B 31 -8.44 14.01 13.96
N SER B 32 -9.34 14.55 14.75
CA SER B 32 -9.04 14.63 16.17
C SER B 32 -9.94 13.69 16.92
N PHE B 33 -9.36 13.10 17.97
CA PHE B 33 -10.01 12.17 18.84
C PHE B 33 -10.17 12.86 20.19
N THR B 34 -11.34 12.67 20.77
CA THR B 34 -11.68 13.29 22.07
C THR B 34 -12.28 12.24 22.97
N GLU B 35 -11.83 12.28 24.22
CA GLU B 35 -12.31 11.37 25.21
C GLU B 35 -13.76 11.66 25.54
N ILE B 36 -14.54 10.60 25.63
CA ILE B 36 -15.94 10.63 26.07
C ILE B 36 -16.04 9.93 27.43
N ASP B 37 -17.17 9.32 27.76
CA ASP B 37 -17.28 8.47 28.97
C ASP B 37 -16.42 7.23 28.95
N SER B 38 -16.05 6.77 30.14
CA SER B 38 -15.43 5.45 30.33
C SER B 38 -14.03 5.34 29.75
N GLY B 39 -13.39 6.47 29.50
CA GLY B 39 -12.06 6.48 28.92
C GLY B 39 -12.00 6.23 27.41
N ASN B 40 -13.14 6.07 26.76
CA ASN B 40 -13.18 5.81 25.32
C ASN B 40 -12.97 7.07 24.51
N LEU B 41 -12.36 6.94 23.34
CA LEU B 41 -12.13 8.10 22.52
C LEU B 41 -12.87 7.92 21.19
N ARG B 42 -13.50 9.00 20.73
CA ARG B 42 -14.14 9.02 19.42
C ARG B 42 -13.71 10.24 18.60
N ILE B 43 -13.91 10.20 17.28
CA ILE B 43 -13.54 11.31 16.43
C ILE B 43 -14.53 12.47 16.49
N ASP B 44 -14.07 13.61 16.96
CA ASP B 44 -14.90 14.83 16.99
C ASP B 44 -14.73 15.73 15.76
N ARG B 45 -13.56 15.67 15.10
CA ARG B 45 -13.35 16.39 13.84
C ARG B 45 -12.83 15.37 12.79
N ARG B 46 -13.51 15.24 11.67
CA ARG B 46 -13.15 14.25 10.64
C ARG B 46 -11.87 14.67 9.96
N GLY B 47 -11.07 13.69 9.50
CA GLY B 47 -9.93 13.93 8.68
C GLY B 47 -10.31 14.27 7.23
N SER B 48 -9.36 14.79 6.49
CA SER B 48 -9.60 15.10 5.07
C SER B 48 -8.30 15.10 4.32
N LEU B 49 -8.40 15.21 2.99
CA LEU B 49 -7.25 15.51 2.17
C LEU B 49 -7.49 16.93 1.61
N MET B 50 -6.72 17.88 2.08
CA MET B 50 -6.95 19.28 1.75
C MET B 50 -6.29 19.63 0.44
N MET B 51 -7.07 20.14 -0.48
CA MET B 51 -6.56 20.61 -1.77
C MET B 51 -6.59 22.14 -1.71
N THR B 52 -5.48 22.78 -2.01
CA THR B 52 -5.39 24.27 -1.99
C THR B 52 -4.97 24.76 -3.36
N PHE B 53 -5.78 25.67 -3.92
CA PHE B 53 -5.52 26.19 -5.24
C PHE B 53 -5.13 27.67 -5.11
N MET B 54 -4.21 28.13 -5.94
CA MET B 54 -3.93 29.57 -6.01
C MET B 54 -3.60 30.01 -7.42
N PRO B 55 -3.84 31.31 -7.71
CA PRO B 55 -3.71 31.80 -9.10
C PRO B 55 -2.29 32.23 -9.43
N ALA B 56 -1.90 31.99 -10.68
CA ALA B 56 -0.64 32.45 -11.21
C ALA B 56 -0.79 33.96 -11.42
N ILE B 57 0.24 34.71 -11.07
CA ILE B 57 0.21 36.16 -11.29
C ILE B 57 1.31 36.60 -12.24
N GLY B 58 1.42 35.90 -13.36
CA GLY B 58 2.44 36.23 -14.35
C GLY B 58 3.80 35.80 -13.82
N GLU B 59 4.83 36.02 -14.63
CA GLU B 59 6.16 35.49 -14.31
C GLU B 59 6.00 34.01 -13.97
N ARG B 60 6.53 33.60 -12.82
CA ARG B 60 6.41 32.22 -12.39
C ARG B 60 6.08 32.32 -10.91
N LYS B 61 5.09 33.14 -10.60
CA LYS B 61 4.74 33.45 -9.23
C LYS B 61 3.26 33.22 -9.02
N TYR B 62 2.87 33.06 -7.76
CA TYR B 62 1.47 32.77 -7.42
C TYR B 62 1.02 33.65 -6.26
N ASP B 63 -0.27 33.97 -6.25
CA ASP B 63 -0.82 34.83 -5.21
C ASP B 63 -1.14 34.00 -3.98
N TRP B 64 -0.14 33.83 -3.14
CA TRP B 64 -0.20 32.93 -1.99
C TRP B 64 -1.30 33.35 -1.02
N GLU B 65 -1.79 34.58 -1.13
CA GLU B 65 -2.78 35.11 -0.19
C GLU B 65 -4.21 35.08 -0.74
N LYS B 66 -4.38 34.65 -1.99
CA LYS B 66 -5.73 34.45 -2.52
C LYS B 66 -6.06 32.94 -2.68
N LYS B 67 -5.50 32.12 -1.80
CA LYS B 67 -5.73 30.67 -1.92
C LYS B 67 -7.20 30.29 -1.67
N GLN B 68 -7.68 29.29 -2.41
CA GLN B 68 -9.00 28.71 -2.23
C GLN B 68 -8.87 27.19 -1.96
N LYS B 69 -9.74 26.65 -1.12
CA LYS B 69 -9.57 25.25 -0.64
C LYS B 69 -10.75 24.31 -0.89
N PHE B 70 -10.47 23.01 -0.95
CA PHE B 70 -11.51 21.99 -1.13
C PHE B 70 -11.05 20.77 -0.33
N ALA B 71 -11.87 20.32 0.60
CA ALA B 71 -11.46 19.26 1.54
C ALA B 71 -12.10 17.92 1.15
N LEU B 72 -11.29 16.96 0.70
CA LEU B 72 -11.80 15.66 0.27
C LEU B 72 -12.05 14.79 1.49
N SER B 73 -13.21 14.15 1.53
CA SER B 73 -13.50 13.14 2.51
C SER B 73 -12.75 11.84 2.18
N PRO B 74 -12.66 10.90 3.13
CA PRO B 74 -12.07 9.59 2.83
C PRO B 74 -12.70 8.96 1.57
N THR B 75 -14.01 8.99 1.47
CA THR B 75 -14.72 8.47 0.32
C THR B 75 -14.30 9.18 -1.00
N GLU B 76 -14.20 10.50 -0.99
CA GLU B 76 -13.67 11.23 -2.16
C GLU B 76 -12.21 10.86 -2.51
N VAL B 77 -11.39 10.65 -1.50
CA VAL B 77 -10.04 10.14 -1.71
C VAL B 77 -10.12 8.77 -2.42
N GLY B 78 -11.03 7.91 -1.96
CA GLY B 78 -11.22 6.62 -2.61
C GLY B 78 -11.56 6.75 -4.09
N SER B 79 -12.34 7.77 -4.40
CA SER B 79 -12.73 8.03 -5.77
C SER B 79 -11.50 8.27 -6.65
N LEU B 80 -10.59 9.09 -6.16
CA LEU B 80 -9.39 9.42 -6.91
C LEU B 80 -8.41 8.27 -6.98
N ILE B 81 -8.22 7.54 -5.87
CA ILE B 81 -7.31 6.42 -5.83
C ILE B 81 -7.71 5.35 -6.84
N SER B 82 -9.01 5.24 -7.10
CA SER B 82 -9.54 4.18 -7.93
C SER B 82 -9.70 4.53 -9.43
N MET B 83 -9.29 5.76 -9.80
CA MET B 83 -9.38 6.23 -11.19
C MET B 83 -8.31 5.61 -12.06
N GLY B 84 -8.73 5.12 -13.23
CA GLY B 84 -7.78 4.75 -14.27
C GLY B 84 -7.60 5.91 -15.22
N SER B 85 -6.75 5.73 -16.22
CA SER B 85 -6.36 6.81 -17.15
C SER B 85 -7.52 7.38 -17.95
N LYS B 86 -8.63 6.65 -18.05
CA LYS B 86 -9.79 7.13 -18.79
C LYS B 86 -10.96 7.51 -17.89
N ASP B 87 -10.76 7.48 -16.57
CA ASP B 87 -11.84 7.78 -15.67
C ASP B 87 -11.91 9.26 -15.32
N SER B 88 -13.09 9.67 -14.87
CA SER B 88 -13.33 11.02 -14.35
C SER B 88 -13.88 10.96 -12.92
N SER B 89 -13.68 12.06 -12.19
CA SER B 89 -14.27 12.25 -10.86
C SER B 89 -14.79 13.67 -10.78
N GLU B 90 -15.91 13.85 -10.09
CA GLU B 90 -16.46 15.20 -9.90
C GLU B 90 -17.17 15.28 -8.56
N PHE B 91 -16.83 16.27 -7.75
CA PHE B 91 -17.38 16.39 -6.41
C PHE B 91 -18.04 17.76 -6.21
N PHE B 92 -19.19 17.78 -5.54
CA PHE B 92 -19.96 19.00 -5.28
C PHE B 92 -20.12 19.24 -3.79
N HIS B 93 -19.64 20.37 -3.29
CA HIS B 93 -19.72 20.69 -1.88
C HIS B 93 -20.49 21.96 -1.54
N ASP B 94 -21.29 21.89 -0.48
CA ASP B 94 -21.87 23.07 0.17
C ASP B 94 -21.47 23.15 1.65
N PRO B 95 -20.54 24.06 2.00
CA PRO B 95 -20.07 24.18 3.39
C PRO B 95 -21.17 24.53 4.39
N GLN B 104 -24.86 31.57 -0.33
CA GLN B 104 -24.33 30.22 -0.36
C GLN B 104 -22.97 30.17 -1.04
N VAL B 105 -22.08 29.32 -0.53
CA VAL B 105 -20.81 29.04 -1.18
C VAL B 105 -20.82 27.62 -1.74
N ARG B 106 -20.98 27.49 -3.06
CA ARG B 106 -20.90 26.19 -3.73
C ARG B 106 -19.49 26.00 -4.27
N LYS B 107 -18.99 24.77 -4.18
CA LYS B 107 -17.67 24.47 -4.71
C LYS B 107 -17.80 23.19 -5.47
N SER B 108 -17.10 23.10 -6.59
CA SER B 108 -17.04 21.82 -7.26
C SER B 108 -15.59 21.54 -7.67
N LEU B 109 -15.20 20.27 -7.60
CA LEU B 109 -13.86 19.86 -7.97
C LEU B 109 -14.00 18.80 -9.02
N SER B 110 -13.28 18.97 -10.14
CA SER B 110 -13.31 17.95 -11.17
C SER B 110 -11.91 17.50 -11.54
N VAL B 111 -11.84 16.21 -11.89
CA VAL B 111 -10.62 15.56 -12.33
C VAL B 111 -10.99 14.85 -13.64
N LYS B 112 -10.53 15.41 -14.77
CA LYS B 112 -10.94 14.92 -16.10
C LYS B 112 -9.71 14.56 -16.92
N PRO B 113 -9.72 13.38 -17.55
CA PRO B 113 -8.55 12.85 -18.25
C PRO B 113 -8.35 13.50 -19.61
N HIS B 114 -7.10 13.65 -20.01
CA HIS B 114 -6.76 13.97 -21.41
C HIS B 114 -7.04 12.72 -22.24
N ALA B 115 -7.46 12.90 -23.50
CA ALA B 115 -7.80 11.75 -24.33
C ALA B 115 -6.61 10.84 -24.58
N ASP B 116 -5.40 11.40 -24.63
CA ASP B 116 -4.22 10.58 -24.87
C ASP B 116 -3.76 9.81 -23.62
N GLY B 117 -4.41 10.05 -22.49
CA GLY B 117 -4.10 9.31 -21.28
C GLY B 117 -2.81 9.76 -20.61
N SER B 118 -2.40 11.00 -20.91
CA SER B 118 -1.13 11.54 -20.43
C SER B 118 -1.27 12.27 -19.09
N GLY B 119 -2.50 12.39 -18.61
CA GLY B 119 -2.76 13.12 -17.39
C GLY B 119 -4.19 13.58 -17.29
N TYR B 120 -4.41 14.63 -16.51
CA TYR B 120 -5.75 15.13 -16.16
C TYR B 120 -5.72 16.65 -16.03
N PHE B 121 -6.90 17.25 -16.13
CA PHE B 121 -7.12 18.58 -15.60
C PHE B 121 -7.81 18.44 -14.25
N ILE B 122 -7.27 19.13 -13.27
CA ILE B 122 -7.90 19.23 -11.97
C ILE B 122 -8.36 20.67 -11.82
N SER B 123 -9.66 20.85 -11.63
CA SER B 123 -10.20 22.19 -11.54
C SER B 123 -11.09 22.38 -10.34
N LEU B 124 -11.03 23.59 -9.78
CA LEU B 124 -11.89 24.01 -8.70
C LEU B 124 -12.76 25.20 -9.13
N SER B 125 -14.07 25.03 -8.99
CA SER B 125 -15.05 26.10 -9.25
C SER B 125 -15.65 26.50 -7.93
N VAL B 126 -15.66 27.80 -7.66
CA VAL B 126 -16.22 28.35 -6.43
C VAL B 126 -17.28 29.38 -6.76
N ASN B 127 -18.53 29.07 -6.44
CA ASN B 127 -19.64 29.98 -6.73
C ASN B 127 -20.01 30.70 -5.45
N ASN B 128 -19.57 31.95 -5.33
CA ASN B 128 -19.83 32.77 -4.16
C ASN B 128 -21.14 33.55 -4.34
N SER B 129 -22.25 32.99 -3.85
CA SER B 129 -23.55 33.65 -4.00
C SER B 129 -23.68 34.87 -3.08
N ILE B 130 -23.07 34.79 -1.90
CA ILE B 130 -23.10 35.91 -0.95
C ILE B 130 -22.40 37.14 -1.53
N LEU B 131 -21.15 36.97 -1.96
CA LEU B 131 -20.40 38.06 -2.58
C LEU B 131 -20.73 38.23 -4.06
N LYS B 132 -21.68 37.44 -4.55
CA LYS B 132 -22.04 37.43 -5.97
C LYS B 132 -20.78 37.44 -6.87
N THR B 133 -19.90 36.47 -6.65
CA THR B 133 -18.74 36.28 -7.50
C THR B 133 -18.46 34.80 -7.67
N ASN B 134 -17.38 34.49 -8.36
CA ASN B 134 -16.98 33.11 -8.52
C ASN B 134 -15.57 33.03 -9.05
N ASP B 135 -14.91 31.93 -8.74
CA ASP B 135 -13.53 31.77 -9.14
C ASP B 135 -13.37 30.45 -9.81
N TYR B 136 -12.29 30.31 -10.56
CA TYR B 136 -12.05 29.10 -11.29
C TYR B 136 -10.55 28.90 -11.42
N PHE B 137 -10.09 27.74 -10.97
CA PHE B 137 -8.68 27.42 -11.04
C PHE B 137 -8.56 26.12 -11.80
N VAL B 138 -7.61 26.06 -12.74
CA VAL B 138 -7.34 24.84 -13.47
C VAL B 138 -5.85 24.53 -13.43
N VAL B 139 -5.54 23.27 -13.11
CA VAL B 139 -4.16 22.83 -12.93
C VAL B 139 -4.06 21.50 -13.68
N PRO B 140 -3.30 21.51 -14.78
CA PRO B 140 -3.02 20.23 -15.44
C PRO B 140 -2.12 19.39 -14.55
N VAL B 141 -2.36 18.09 -14.55
CA VAL B 141 -1.56 17.16 -13.78
C VAL B 141 -1.12 16.04 -14.71
N THR B 142 0.18 15.72 -14.74
CA THR B 142 0.68 14.62 -15.55
C THR B 142 0.35 13.26 -14.93
N LYS B 143 0.45 12.20 -15.73
CA LYS B 143 0.36 10.84 -15.22
C LYS B 143 1.24 10.63 -13.98
N ALA B 144 2.47 11.10 -14.05
CA ALA B 144 3.41 10.94 -12.95
C ALA B 144 2.94 11.69 -11.67
N GLU B 145 2.53 12.92 -11.85
CA GLU B 145 2.04 13.72 -10.75
C GLU B 145 0.80 13.09 -10.10
N PHE B 146 -0.11 12.54 -10.92
CA PHE B 146 -1.29 11.89 -10.40
C PHE B 146 -0.92 10.57 -9.71
N ALA B 147 0.12 9.88 -10.20
CA ALA B 147 0.61 8.69 -9.54
C ALA B 147 1.16 9.00 -8.14
N VAL B 148 1.86 10.13 -8.01
CA VAL B 148 2.29 10.59 -6.67
C VAL B 148 1.05 10.78 -5.82
N MET B 149 0.07 11.49 -6.36
CA MET B 149 -1.17 11.71 -5.59
C MET B 149 -1.82 10.40 -5.16
N LYS B 150 -1.92 9.44 -6.08
CA LYS B 150 -2.60 8.20 -5.76
C LYS B 150 -1.85 7.44 -4.68
N THR B 151 -0.52 7.40 -4.79
CA THR B 151 0.31 6.67 -3.84
C THR B 151 0.29 7.38 -2.49
N ALA B 152 0.47 8.68 -2.51
CA ALA B 152 0.50 9.45 -1.26
C ALA B 152 -0.88 9.47 -0.61
N PHE B 153 -1.93 9.57 -1.41
CA PHE B 153 -3.28 9.57 -0.86
C PHE B 153 -3.59 8.19 -0.24
N SER B 154 -3.14 7.12 -0.89
CA SER B 154 -3.34 5.76 -0.36
C SER B 154 -2.62 5.61 0.97
N PHE B 155 -1.40 6.13 1.05
CA PHE B 155 -0.66 6.14 2.31
C PHE B 155 -1.44 6.90 3.39
N ALA B 156 -1.90 8.09 3.03
CA ALA B 156 -2.56 8.98 3.97
C ALA B 156 -3.96 8.53 4.41
N LEU B 157 -4.65 7.77 3.58
CA LEU B 157 -6.05 7.43 3.83
C LEU B 157 -6.31 6.83 5.22
N PRO B 158 -5.56 5.77 5.61
CA PRO B 158 -5.81 5.21 6.95
C PRO B 158 -5.49 6.20 8.08
N HIS B 159 -4.56 7.13 7.88
CA HIS B 159 -4.31 8.20 8.86
C HIS B 159 -5.47 9.18 8.92
N ILE B 160 -5.99 9.61 7.78
CA ILE B 160 -7.15 10.52 7.80
C ILE B 160 -8.43 9.86 8.34
N MET B 161 -8.51 8.53 8.28
CA MET B 161 -9.62 7.78 8.80
C MET B 161 -9.44 7.42 10.29
N GLY B 162 -8.24 7.61 10.83
CA GLY B 162 -7.96 7.31 12.21
C GLY B 162 -7.54 5.88 12.47
N TRP B 163 -7.41 5.10 11.40
CA TRP B 163 -7.05 3.70 11.56
C TRP B 163 -5.64 3.44 12.04
N ASN B 164 -4.74 4.37 11.82
CA ASN B 164 -3.40 4.25 12.41
C ASN B 164 -3.44 4.21 13.93
N ARG B 165 -4.39 4.92 14.51
CA ARG B 165 -4.58 4.93 15.95
C ARG B 165 -5.18 3.65 16.47
N LEU B 166 -5.95 2.96 15.64
CA LEU B 166 -6.56 1.70 16.07
C LEU B 166 -5.53 0.60 16.07
N THR B 167 -4.64 0.63 15.09
CA THR B 167 -3.68 -0.44 14.88
C THR B 167 -2.40 -0.14 15.64
N GLY B 168 -2.28 1.10 16.12
CA GLY B 168 -1.14 1.50 16.95
C GLY B 168 0.18 1.61 16.18
N ARG C 10 22.20 2.08 9.24
CA ARG C 10 21.63 3.40 9.06
C ARG C 10 20.10 3.35 8.95
N LEU C 11 19.50 4.53 8.76
CA LEU C 11 18.05 4.69 8.66
C LEU C 11 17.46 3.92 7.46
N PHE C 12 18.11 4.03 6.31
CA PHE C 12 17.77 3.20 5.15
C PHE C 12 19.02 2.46 4.67
N ALA C 13 18.95 1.14 4.64
CA ALA C 13 20.03 0.35 4.03
C ALA C 13 19.79 0.34 2.52
N PRO C 14 20.76 0.80 1.72
CA PRO C 14 20.52 0.86 0.27
C PRO C 14 20.14 -0.49 -0.36
N TYR C 15 19.22 -0.48 -1.32
CA TYR C 15 18.92 -1.66 -2.12
C TYR C 15 19.83 -1.56 -3.32
N SER C 16 20.57 -2.61 -3.57
CA SER C 16 21.59 -2.63 -4.61
C SER C 16 21.31 -3.77 -5.56
N ILE C 17 21.63 -3.54 -6.84
CA ILE C 17 21.51 -4.55 -7.86
C ILE C 17 22.86 -4.55 -8.58
N PHE C 18 23.56 -5.69 -8.60
CA PHE C 18 24.90 -5.80 -9.19
C PHE C 18 24.90 -6.66 -10.44
N LYS C 19 25.16 -6.06 -11.60
CA LYS C 19 25.05 -6.72 -12.89
C LYS C 19 26.37 -6.58 -13.71
N GLY C 20 26.32 -6.93 -15.00
CA GLY C 20 27.51 -7.04 -15.84
C GLY C 20 28.34 -5.82 -16.18
N LYS C 21 27.69 -4.71 -16.48
CA LYS C 21 28.41 -3.51 -16.89
C LYS C 21 28.41 -2.47 -15.77
N ALA C 22 27.50 -2.63 -14.80
CA ALA C 22 27.36 -1.63 -13.77
C ALA C 22 26.55 -2.13 -12.60
N ALA C 23 26.55 -1.33 -11.56
CA ALA C 23 25.74 -1.62 -10.40
C ALA C 23 24.95 -0.38 -10.07
N LEU C 24 23.85 -0.61 -9.37
CA LEU C 24 22.93 0.43 -9.04
C LEU C 24 22.59 0.27 -7.58
N SER C 25 22.61 1.37 -6.84
CA SER C 25 22.13 1.37 -5.45
C SER C 25 21.14 2.47 -5.27
N VAL C 26 20.10 2.23 -4.49
CA VAL C 26 19.11 3.27 -4.31
C VAL C 26 18.84 3.44 -2.81
N GLU C 27 18.67 4.69 -2.41
CA GLU C 27 18.27 5.01 -1.03
C GLU C 27 17.52 6.33 -0.93
N PRO C 28 16.59 6.44 0.02
CA PRO C 28 15.86 7.68 0.26
C PRO C 28 16.73 8.73 0.90
N VAL C 29 16.45 9.99 0.56
CA VAL C 29 17.01 11.14 1.25
C VAL C 29 15.83 11.99 1.72
N LEU C 30 15.76 12.22 3.02
CA LEU C 30 14.62 12.93 3.58
C LEU C 30 14.72 14.42 3.32
N PRO C 31 13.58 15.12 3.34
CA PRO C 31 13.60 16.56 3.13
C PRO C 31 14.08 17.28 4.38
N SER C 32 14.60 18.49 4.20
CA SER C 32 15.00 19.28 5.33
C SER C 32 13.89 20.29 5.60
N PHE C 33 13.81 20.73 6.84
CA PHE C 33 12.83 21.74 7.20
C PHE C 33 13.51 23.00 7.72
N THR C 34 12.85 24.14 7.55
CA THR C 34 13.27 25.36 8.23
C THR C 34 12.07 26.01 8.87
N GLU C 35 12.24 26.39 10.13
CA GLU C 35 11.24 27.19 10.80
C GLU C 35 11.18 28.56 10.14
N ILE C 36 9.97 29.06 10.00
CA ILE C 36 9.72 30.36 9.42
C ILE C 36 9.06 31.23 10.50
N ASP C 37 8.14 32.10 10.09
CA ASP C 37 7.39 32.89 11.05
C ASP C 37 6.42 32.04 11.87
N SER C 38 6.18 32.48 13.11
CA SER C 38 5.13 31.93 13.97
C SER C 38 5.44 30.56 14.57
N GLY C 39 6.70 30.15 14.46
CA GLY C 39 7.10 28.84 14.95
C GLY C 39 6.79 27.72 13.97
N ASN C 40 6.22 28.08 12.82
CA ASN C 40 5.85 27.11 11.80
C ASN C 40 7.07 26.56 11.06
N LEU C 41 7.02 25.28 10.70
CA LEU C 41 8.10 24.65 9.95
C LEU C 41 7.62 24.20 8.56
N ARG C 42 8.42 24.49 7.54
CA ARG C 42 8.11 24.10 6.16
C ARG C 42 9.32 23.44 5.51
N ILE C 43 9.08 22.74 4.41
CA ILE C 43 10.16 22.06 3.70
C ILE C 43 11.12 23.07 3.11
N ASP C 44 12.41 22.86 3.35
CA ASP C 44 13.47 23.71 2.83
C ASP C 44 13.94 23.09 1.54
N ARG C 45 14.77 22.05 1.64
CA ARG C 45 15.18 21.29 0.46
C ARG C 45 14.42 19.97 0.38
N ARG C 46 13.94 19.69 -0.83
CA ARG C 46 13.09 18.53 -1.08
C ARG C 46 13.84 17.21 -0.89
N GLY C 47 13.09 16.15 -0.59
CA GLY C 47 13.68 14.84 -0.50
C GLY C 47 13.79 14.23 -1.87
N SER C 48 14.48 13.11 -1.94
CA SER C 48 14.67 12.43 -3.20
C SER C 48 14.90 10.94 -2.99
N LEU C 49 14.84 10.18 -4.08
CA LEU C 49 15.39 8.84 -4.11
C LEU C 49 16.70 8.92 -4.87
N MET C 50 17.80 8.76 -4.14
CA MET C 50 19.16 8.83 -4.70
C MET C 50 19.56 7.51 -5.32
N MET C 51 19.79 7.53 -6.62
CA MET C 51 20.29 6.38 -7.31
C MET C 51 21.78 6.55 -7.57
N THR C 52 22.57 5.56 -7.21
CA THR C 52 24.00 5.62 -7.39
C THR C 52 24.39 4.53 -8.34
N PHE C 53 25.09 4.91 -9.40
CA PHE C 53 25.55 3.95 -10.39
C PHE C 53 27.07 3.89 -10.36
N MET C 54 27.60 2.71 -10.60
CA MET C 54 29.04 2.59 -10.71
C MET C 54 29.39 1.48 -11.71
N PRO C 55 30.47 1.67 -12.48
CA PRO C 55 30.75 0.74 -13.57
C PRO C 55 31.51 -0.49 -13.11
N ALA C 56 31.37 -1.56 -13.86
CA ALA C 56 32.05 -2.81 -13.57
C ALA C 56 33.50 -2.67 -14.02
N ILE C 57 34.44 -3.13 -13.20
CA ILE C 57 35.84 -3.16 -13.60
C ILE C 57 36.27 -4.56 -14.02
N GLY C 58 35.51 -5.56 -13.59
CA GLY C 58 35.77 -6.92 -13.97
C GLY C 58 34.70 -7.86 -13.47
N GLU C 59 35.13 -9.03 -13.03
CA GLU C 59 34.24 -10.12 -12.67
C GLU C 59 33.48 -9.83 -11.38
N ARG C 60 32.38 -9.10 -11.51
CA ARG C 60 31.57 -8.71 -10.35
C ARG C 60 32.35 -7.82 -9.39
N LYS C 61 33.17 -6.93 -9.96
CA LYS C 61 33.89 -5.93 -9.20
C LYS C 61 33.55 -4.57 -9.81
N TYR C 62 33.42 -3.55 -8.98
CA TYR C 62 32.91 -2.26 -9.42
C TYR C 62 33.77 -1.11 -8.92
N ASP C 63 33.90 -0.08 -9.75
CA ASP C 63 34.79 1.04 -9.47
C ASP C 63 34.07 2.09 -8.66
N TRP C 64 34.28 2.08 -7.36
CA TRP C 64 33.58 3.02 -6.49
C TRP C 64 34.07 4.45 -6.71
N GLU C 65 35.30 4.61 -7.20
CA GLU C 65 35.85 5.93 -7.46
C GLU C 65 35.08 6.59 -8.59
N LYS C 66 34.45 5.77 -9.43
CA LYS C 66 33.72 6.28 -10.59
C LYS C 66 32.18 6.35 -10.39
N LYS C 67 31.71 6.20 -9.17
CA LYS C 67 30.28 6.37 -8.87
C LYS C 67 29.71 7.67 -9.43
N GLN C 68 28.50 7.58 -10.01
CA GLN C 68 27.73 8.76 -10.36
C GLN C 68 26.30 8.64 -9.86
N LYS C 69 25.74 9.76 -9.43
CA LYS C 69 24.44 9.78 -8.75
C LYS C 69 23.37 10.49 -9.56
N PHE C 70 22.12 10.12 -9.31
CA PHE C 70 20.98 10.77 -9.93
C PHE C 70 19.87 10.81 -8.88
N ALA C 71 19.38 12.00 -8.58
CA ALA C 71 18.40 12.20 -7.51
C ALA C 71 17.00 12.27 -8.10
N LEU C 72 16.20 11.23 -7.89
CA LEU C 72 14.80 11.28 -8.32
C LEU C 72 13.91 12.09 -7.40
N SER C 73 13.16 13.02 -7.97
CA SER C 73 12.21 13.84 -7.24
C SER C 73 11.00 12.98 -6.93
N PRO C 74 10.14 13.45 -6.02
CA PRO C 74 8.91 12.67 -5.79
C PRO C 74 8.13 12.42 -7.06
N THR C 75 8.03 13.43 -7.93
CA THR C 75 7.32 13.30 -9.18
C THR C 75 7.96 12.26 -10.09
N GLU C 76 9.30 12.23 -10.12
CA GLU C 76 9.99 11.23 -10.91
C GLU C 76 9.78 9.83 -10.35
N VAL C 77 9.73 9.73 -9.04
CA VAL C 77 9.45 8.43 -8.39
C VAL C 77 8.04 7.96 -8.83
N GLY C 78 7.09 8.90 -8.88
CA GLY C 78 5.75 8.68 -9.39
C GLY C 78 5.76 8.07 -10.78
N SER C 79 6.59 8.64 -11.63
CA SER C 79 6.73 8.13 -12.99
C SER C 79 7.14 6.65 -13.00
N LEU C 80 8.12 6.29 -12.19
CA LEU C 80 8.56 4.89 -12.14
C LEU C 80 7.48 3.97 -11.56
N ILE C 81 6.85 4.38 -10.47
CA ILE C 81 5.88 3.50 -9.85
C ILE C 81 4.68 3.24 -10.73
N SER C 82 4.40 4.15 -11.67
CA SER C 82 3.23 4.02 -12.52
C SER C 82 3.51 3.28 -13.84
N MET C 83 4.76 2.86 -14.02
CA MET C 83 5.15 2.12 -15.24
C MET C 83 4.64 0.70 -15.30
N GLY C 84 4.00 0.42 -16.43
CA GLY C 84 3.66 -0.94 -16.79
C GLY C 84 4.80 -1.58 -17.56
N SER C 85 4.60 -2.85 -17.92
CA SER C 85 5.65 -3.72 -18.47
C SER C 85 6.05 -3.31 -19.87
N LYS C 86 5.25 -2.46 -20.51
CA LYS C 86 5.53 -1.95 -21.85
C LYS C 86 5.92 -0.47 -21.91
N ASP C 87 5.95 0.18 -20.75
CA ASP C 87 6.23 1.62 -20.67
C ASP C 87 7.73 1.89 -20.56
N SER C 88 8.11 3.10 -20.97
CA SER C 88 9.44 3.66 -20.74
C SER C 88 9.32 4.95 -19.92
N SER C 89 10.41 5.32 -19.25
CA SER C 89 10.52 6.63 -18.60
C SER C 89 11.89 7.22 -18.96
N GLU C 90 11.97 8.54 -19.08
CA GLU C 90 13.26 9.19 -19.24
C GLU C 90 13.22 10.56 -18.57
N PHE C 91 14.22 10.84 -17.73
CA PHE C 91 14.28 12.09 -17.01
C PHE C 91 15.57 12.82 -17.36
N PHE C 92 15.45 14.13 -17.58
CA PHE C 92 16.59 14.98 -17.93
C PHE C 92 16.84 16.02 -16.86
N HIS C 93 18.04 16.02 -16.29
CA HIS C 93 18.40 16.98 -15.24
C HIS C 93 19.47 17.95 -15.75
N ASP C 94 19.23 19.23 -15.53
CA ASP C 94 20.26 20.26 -15.77
C ASP C 94 19.79 21.60 -15.23
N PRO C 95 20.70 22.36 -14.60
CA PRO C 95 20.29 23.67 -14.08
C PRO C 95 19.70 24.60 -15.15
N GLY C 103 29.27 22.74 -10.47
CA GLY C 103 29.38 21.46 -9.79
C GLY C 103 28.53 20.38 -10.42
N GLN C 104 27.33 20.76 -10.85
CA GLN C 104 26.38 19.81 -11.44
C GLN C 104 26.44 19.89 -12.96
N VAL C 105 26.39 18.72 -13.58
CA VAL C 105 26.50 18.59 -15.02
C VAL C 105 25.17 17.99 -15.53
N ARG C 106 24.98 17.97 -16.85
CA ARG C 106 23.76 17.40 -17.42
C ARG C 106 23.74 15.86 -17.31
N LYS C 107 22.63 15.32 -16.82
CA LYS C 107 22.51 13.88 -16.68
C LYS C 107 21.12 13.48 -17.15
N SER C 108 20.99 12.23 -17.58
CA SER C 108 19.65 11.70 -17.92
C SER C 108 19.58 10.26 -17.46
N LEU C 109 18.38 9.87 -17.06
CA LEU C 109 18.18 8.50 -16.60
C LEU C 109 17.00 7.93 -17.37
N SER C 110 17.17 6.74 -17.90
CA SER C 110 16.04 6.13 -18.58
C SER C 110 15.77 4.72 -18.06
N VAL C 111 14.49 4.34 -18.12
CA VAL C 111 14.05 2.98 -17.81
C VAL C 111 13.29 2.47 -19.02
N LYS C 112 13.80 1.41 -19.66
CA LYS C 112 13.23 0.90 -20.91
C LYS C 112 12.95 -0.57 -20.79
N PRO C 113 11.81 -1.02 -21.32
CA PRO C 113 11.44 -2.42 -21.13
C PRO C 113 11.98 -3.30 -22.24
N HIS C 114 12.30 -4.53 -21.91
CA HIS C 114 12.53 -5.59 -22.91
C HIS C 114 11.21 -5.97 -23.55
N ALA C 115 11.20 -6.12 -24.86
CA ALA C 115 9.98 -6.44 -25.60
C ALA C 115 9.25 -7.67 -25.08
N ASP C 116 9.99 -8.62 -24.50
CA ASP C 116 9.38 -9.85 -24.00
C ASP C 116 8.65 -9.67 -22.66
N GLY C 117 8.75 -8.49 -22.07
CA GLY C 117 8.14 -8.21 -20.79
C GLY C 117 8.80 -8.86 -19.58
N SER C 118 10.00 -9.39 -19.73
CA SER C 118 10.73 -10.01 -18.62
C SER C 118 11.38 -9.02 -17.64
N GLY C 119 11.42 -7.75 -18.01
CA GLY C 119 12.11 -6.76 -17.22
C GLY C 119 12.50 -5.54 -18.05
N TYR C 120 13.51 -4.85 -17.56
CA TYR C 120 13.91 -3.52 -18.03
C TYR C 120 15.44 -3.38 -18.07
N PHE C 121 15.90 -2.34 -18.71
CA PHE C 121 17.28 -1.86 -18.52
C PHE C 121 17.23 -0.37 -18.13
N ILE C 122 17.98 -0.03 -17.08
CA ILE C 122 18.03 1.31 -16.51
C ILE C 122 19.40 1.90 -16.86
N SER C 123 19.39 3.07 -17.49
CA SER C 123 20.61 3.72 -18.01
C SER C 123 20.83 5.11 -17.43
N LEU C 124 22.05 5.41 -16.96
CA LEU C 124 22.38 6.77 -16.57
C LEU C 124 23.40 7.27 -17.59
N SER C 125 23.14 8.45 -18.12
CA SER C 125 24.06 9.13 -19.04
C SER C 125 24.52 10.39 -18.36
N VAL C 126 25.84 10.57 -18.33
CA VAL C 126 26.45 11.72 -17.71
C VAL C 126 27.16 12.45 -18.85
N ASN C 127 26.74 13.69 -19.11
CA ASN C 127 27.31 14.50 -20.19
C ASN C 127 28.44 15.33 -19.63
N ASN C 128 29.65 14.91 -19.99
CA ASN C 128 30.84 15.60 -19.60
C ASN C 128 31.14 16.74 -20.57
N SER C 129 32.27 17.40 -20.34
CA SER C 129 32.66 18.56 -21.14
C SER C 129 32.95 18.10 -22.55
N ILE C 130 33.16 19.07 -23.44
CA ILE C 130 33.46 18.76 -24.84
C ILE C 130 34.81 18.07 -24.97
N LEU C 131 35.59 18.00 -23.90
CA LEU C 131 36.88 17.33 -24.01
C LEU C 131 36.86 15.93 -23.45
N LYS C 132 35.67 15.45 -23.07
CA LYS C 132 35.52 14.25 -22.26
C LYS C 132 34.32 13.45 -22.76
N THR C 133 34.54 12.20 -23.15
CA THR C 133 33.45 11.40 -23.67
C THR C 133 32.48 11.20 -22.50
N ASN C 134 31.19 11.13 -22.82
CA ASN C 134 30.18 10.97 -21.78
C ASN C 134 30.25 9.58 -21.18
N ASP C 135 29.68 9.44 -19.98
CA ASP C 135 29.68 8.14 -19.33
C ASP C 135 28.27 7.60 -19.38
N TYR C 136 28.18 6.30 -19.62
CA TYR C 136 26.90 5.60 -19.74
C TYR C 136 26.95 4.36 -18.86
N PHE C 137 26.05 4.28 -17.87
CA PHE C 137 26.01 3.14 -16.98
C PHE C 137 24.65 2.48 -17.16
N VAL C 138 24.64 1.20 -17.56
CA VAL C 138 23.38 0.48 -17.80
C VAL C 138 23.29 -0.74 -16.92
N VAL C 139 22.12 -0.93 -16.29
CA VAL C 139 21.93 -2.04 -15.35
C VAL C 139 20.61 -2.70 -15.73
N PRO C 140 20.64 -3.97 -16.15
CA PRO C 140 19.37 -4.64 -16.34
C PRO C 140 18.67 -4.89 -14.99
N VAL C 141 17.35 -4.80 -15.05
CA VAL C 141 16.52 -5.01 -13.87
C VAL C 141 15.41 -5.97 -14.26
N THR C 142 15.32 -7.13 -13.60
CA THR C 142 14.28 -8.11 -13.90
C THR C 142 12.90 -7.61 -13.41
N LYS C 143 11.83 -8.20 -13.92
CA LYS C 143 10.48 -7.95 -13.41
C LYS C 143 10.44 -7.98 -11.85
N ALA C 144 11.03 -9.02 -11.27
CA ALA C 144 11.11 -9.18 -9.81
C ALA C 144 11.84 -8.03 -9.11
N GLU C 145 13.00 -7.63 -9.63
CA GLU C 145 13.74 -6.52 -9.08
C GLU C 145 13.00 -5.18 -9.19
N PHE C 146 12.33 -4.95 -10.31
CA PHE C 146 11.60 -3.72 -10.53
C PHE C 146 10.38 -3.69 -9.61
N ALA C 147 9.85 -4.88 -9.30
CA ALA C 147 8.74 -4.97 -8.33
C ALA C 147 9.22 -4.56 -6.93
N VAL C 148 10.41 -5.00 -6.52
CA VAL C 148 11.02 -4.56 -5.27
C VAL C 148 11.20 -3.05 -5.29
N MET C 149 11.77 -2.54 -6.38
CA MET C 149 11.90 -1.09 -6.53
C MET C 149 10.57 -0.35 -6.38
N LYS C 150 9.52 -0.77 -7.07
CA LYS C 150 8.24 -0.05 -7.03
C LYS C 150 7.63 -0.11 -5.64
N THR C 151 7.70 -1.29 -5.02
CA THR C 151 7.20 -1.45 -3.66
C THR C 151 7.98 -0.59 -2.67
N ALA C 152 9.30 -0.71 -2.68
CA ALA C 152 10.15 0.09 -1.79
C ALA C 152 10.02 1.59 -2.05
N PHE C 153 9.96 1.97 -3.34
CA PHE C 153 9.82 3.38 -3.70
C PHE C 153 8.46 3.92 -3.25
N SER C 154 7.39 3.14 -3.44
CA SER C 154 6.08 3.53 -2.95
C SER C 154 6.08 3.74 -1.44
N PHE C 155 6.76 2.85 -0.73
CA PHE C 155 6.86 2.96 0.72
C PHE C 155 7.59 4.26 1.09
N ALA C 156 8.67 4.55 0.37
CA ALA C 156 9.54 5.67 0.72
C ALA C 156 8.94 7.01 0.31
N LEU C 157 8.03 7.00 -0.66
CA LEU C 157 7.52 8.24 -1.23
C LEU C 157 6.97 9.21 -0.18
N PRO C 158 6.09 8.73 0.73
CA PRO C 158 5.58 9.73 1.69
C PRO C 158 6.66 10.25 2.63
N HIS C 159 7.68 9.46 2.91
CA HIS C 159 8.82 9.91 3.71
C HIS C 159 9.63 11.00 2.99
N ILE C 160 9.91 10.83 1.71
CA ILE C 160 10.68 11.85 1.02
C ILE C 160 9.83 13.09 0.74
N MET C 161 8.52 12.95 0.80
CA MET C 161 7.61 14.07 0.66
C MET C 161 7.42 14.80 1.99
N GLY C 162 7.95 14.24 3.07
CA GLY C 162 7.70 14.76 4.40
C GLY C 162 6.35 14.42 5.01
N TRP C 163 5.56 13.56 4.38
CA TRP C 163 4.22 13.27 4.88
C TRP C 163 4.19 12.40 6.15
N ASN C 164 5.22 11.63 6.39
CA ASN C 164 5.28 10.85 7.61
C ASN C 164 5.30 11.76 8.85
N ARG C 165 5.85 12.96 8.70
CA ARG C 165 5.93 13.92 9.80
C ARG C 165 4.59 14.59 10.06
N LEU C 166 3.69 14.53 9.07
CA LEU C 166 2.35 15.09 9.22
C LEU C 166 1.48 14.12 10.02
N THR C 167 2.02 12.96 10.36
CA THR C 167 1.31 12.04 11.25
C THR C 167 2.25 11.50 12.33
N GLY C 168 1.79 10.49 13.07
CA GLY C 168 2.62 9.84 14.06
C GLY C 168 4.02 9.55 13.52
N LEU D 11 8.66 -12.60 17.93
CA LEU D 11 7.86 -13.64 17.31
C LEU D 11 6.59 -13.01 16.74
N PHE D 12 6.21 -13.44 15.54
CA PHE D 12 4.96 -13.05 14.89
C PHE D 12 4.16 -14.30 14.62
N ALA D 13 2.86 -14.24 14.84
CA ALA D 13 1.97 -15.35 14.46
C ALA D 13 2.07 -15.54 12.94
N PRO D 14 2.44 -16.74 12.49
CA PRO D 14 2.52 -16.94 11.03
C PRO D 14 1.13 -16.95 10.38
N TYR D 15 1.08 -16.69 9.07
CA TYR D 15 -0.11 -16.91 8.30
C TYR D 15 0.02 -18.35 7.80
N SER D 16 -0.95 -19.17 8.14
CA SER D 16 -0.87 -20.59 7.78
C SER D 16 -2.06 -21.06 6.92
N ILE D 17 -1.77 -21.99 5.99
CA ILE D 17 -2.72 -22.57 5.05
C ILE D 17 -2.56 -24.07 5.28
N PHE D 18 -3.67 -24.75 5.56
CA PHE D 18 -3.66 -26.16 5.90
C PHE D 18 -4.46 -26.92 4.84
N LYS D 19 -3.78 -27.75 4.04
CA LYS D 19 -4.46 -28.40 2.94
C LYS D 19 -4.28 -29.91 3.01
N GLY D 20 -4.62 -30.59 1.93
CA GLY D 20 -4.82 -32.04 1.99
C GLY D 20 -3.58 -32.89 2.21
N LYS D 21 -2.49 -32.46 1.60
CA LYS D 21 -1.25 -33.19 1.61
C LYS D 21 -0.14 -32.50 2.38
N ALA D 22 -0.32 -31.20 2.67
CA ALA D 22 0.70 -30.43 3.35
C ALA D 22 0.09 -29.10 3.82
N ALA D 23 0.85 -28.43 4.69
CA ALA D 23 0.52 -27.10 5.19
C ALA D 23 1.70 -26.18 4.90
N LEU D 24 1.39 -24.90 4.70
CA LEU D 24 2.38 -23.85 4.51
C LEU D 24 2.15 -22.76 5.56
N SER D 25 3.23 -22.28 6.19
CA SER D 25 3.18 -21.14 7.07
C SER D 25 4.21 -20.12 6.60
N VAL D 26 3.85 -18.86 6.65
CA VAL D 26 4.77 -17.81 6.26
C VAL D 26 4.92 -16.77 7.34
N GLU D 27 6.14 -16.29 7.56
CA GLU D 27 6.35 -15.24 8.56
C GLU D 27 7.60 -14.48 8.21
N PRO D 28 7.64 -13.18 8.53
CA PRO D 28 8.82 -12.38 8.19
C PRO D 28 9.94 -12.62 9.18
N VAL D 29 11.18 -12.47 8.72
CA VAL D 29 12.35 -12.53 9.57
C VAL D 29 13.02 -11.19 9.34
N LEU D 30 13.08 -10.40 10.40
CA LEU D 30 13.70 -9.07 10.33
C LEU D 30 15.22 -9.18 10.20
N PRO D 31 15.82 -8.13 9.64
CA PRO D 31 17.26 -7.94 9.64
C PRO D 31 17.76 -7.98 11.07
N SER D 32 18.94 -8.54 11.27
CA SER D 32 19.58 -8.53 12.59
C SER D 32 21.00 -8.01 12.41
N PHE D 33 21.56 -7.48 13.49
CA PHE D 33 22.85 -6.82 13.42
C PHE D 33 23.76 -7.33 14.52
N THR D 34 25.03 -7.55 14.18
CA THR D 34 26.06 -7.84 15.18
C THR D 34 27.31 -7.01 14.91
N GLU D 35 28.06 -6.74 15.97
CA GLU D 35 29.25 -5.89 15.85
C GLU D 35 30.49 -6.73 16.09
N ILE D 36 31.51 -6.52 15.27
CA ILE D 36 32.75 -7.25 15.41
C ILE D 36 33.93 -6.29 15.27
N ASP D 37 35.13 -6.79 15.53
CA ASP D 37 36.33 -6.00 15.41
C ASP D 37 36.19 -4.70 16.25
N SER D 38 35.71 -4.84 17.49
CA SER D 38 36.04 -3.88 18.55
C SER D 38 35.17 -2.63 18.90
N GLY D 39 34.09 -2.23 18.19
CA GLY D 39 33.51 -2.86 17.01
C GLY D 39 33.49 -1.88 15.82
N ASN D 40 34.45 -2.08 14.93
CA ASN D 40 34.65 -1.21 13.79
C ASN D 40 33.86 -1.67 12.57
N LEU D 41 33.29 -2.88 12.68
CA LEU D 41 32.46 -3.47 11.62
C LEU D 41 31.06 -3.79 12.19
N ARG D 42 30.01 -3.29 11.54
CA ARG D 42 28.64 -3.65 11.91
C ARG D 42 28.13 -4.58 10.82
N ILE D 43 27.82 -5.82 11.22
CA ILE D 43 27.32 -6.83 10.30
C ILE D 43 25.79 -6.84 10.30
N ASP D 44 25.23 -6.60 9.12
CA ASP D 44 23.80 -6.41 8.95
C ASP D 44 23.30 -7.62 8.15
N ARG D 45 22.49 -8.45 8.80
CA ARG D 45 21.97 -9.63 8.17
C ARG D 45 20.59 -9.32 7.55
N ARG D 46 20.51 -9.44 6.23
CA ARG D 46 19.29 -9.14 5.49
C ARG D 46 18.11 -9.98 5.98
N GLY D 47 16.91 -9.40 5.99
CA GLY D 47 15.72 -10.15 6.34
C GLY D 47 15.27 -11.14 5.25
N SER D 48 14.22 -11.91 5.56
CA SER D 48 13.65 -12.83 4.57
C SER D 48 12.17 -12.97 4.86
N LEU D 49 11.44 -13.59 3.94
CA LEU D 49 10.09 -14.07 4.27
C LEU D 49 10.24 -15.59 4.35
N MET D 50 10.06 -16.14 5.53
CA MET D 50 10.32 -17.55 5.73
C MET D 50 9.07 -18.40 5.44
N MET D 51 9.19 -19.36 4.55
CA MET D 51 8.10 -20.27 4.26
C MET D 51 8.40 -21.60 4.91
N THR D 52 7.44 -22.17 5.65
CA THR D 52 7.66 -23.42 6.33
C THR D 52 6.58 -24.41 5.85
N PHE D 53 7.02 -25.55 5.36
CA PHE D 53 6.11 -26.61 4.87
C PHE D 53 6.14 -27.81 5.80
N MET D 54 4.96 -28.40 6.04
CA MET D 54 4.88 -29.64 6.81
C MET D 54 4.00 -30.62 6.06
N PRO D 55 4.35 -31.92 6.08
CA PRO D 55 3.53 -32.92 5.42
C PRO D 55 2.34 -33.34 6.29
N ALA D 56 1.25 -33.71 5.64
CA ALA D 56 0.07 -34.18 6.32
C ALA D 56 0.38 -35.56 6.91
N ILE D 57 -0.29 -35.87 8.02
CA ILE D 57 -0.28 -37.24 8.60
C ILE D 57 -1.70 -37.75 8.87
N GLY D 58 -2.68 -36.97 8.46
CA GLY D 58 -4.07 -37.33 8.62
C GLY D 58 -4.89 -36.20 8.07
N GLU D 59 -6.20 -36.29 8.26
CA GLU D 59 -7.10 -35.26 7.79
C GLU D 59 -6.87 -34.00 8.61
N ARG D 60 -6.34 -32.94 8.00
CA ARG D 60 -6.07 -31.73 8.75
C ARG D 60 -5.14 -32.01 9.95
N LYS D 61 -4.23 -32.97 9.78
CA LYS D 61 -3.13 -33.20 10.75
C LYS D 61 -1.79 -33.16 10.05
N TYR D 62 -0.78 -32.60 10.72
CA TYR D 62 0.55 -32.38 10.09
C TYR D 62 1.71 -32.76 11.00
N ASP D 63 2.83 -33.18 10.37
CA ASP D 63 4.02 -33.57 11.12
C ASP D 63 5.00 -32.41 11.28
N TRP D 64 5.01 -31.81 12.46
CA TRP D 64 5.90 -30.68 12.78
C TRP D 64 7.39 -31.06 12.75
N GLU D 65 7.67 -32.27 13.19
CA GLU D 65 9.03 -32.79 13.24
C GLU D 65 9.64 -32.84 11.84
N LYS D 66 8.79 -32.93 10.83
CA LYS D 66 9.27 -33.06 9.46
C LYS D 66 9.14 -31.76 8.66
N LYS D 67 9.03 -30.64 9.36
CA LYS D 67 8.93 -29.34 8.68
C LYS D 67 10.19 -29.00 7.85
N GLN D 68 9.98 -28.31 6.73
CA GLN D 68 11.07 -27.86 5.85
C GLN D 68 10.87 -26.39 5.52
N LYS D 69 11.96 -25.64 5.58
CA LYS D 69 11.90 -24.19 5.43
C LYS D 69 12.47 -23.76 4.08
N PHE D 70 12.01 -22.61 3.60
CA PHE D 70 12.55 -22.02 2.38
C PHE D 70 12.48 -20.50 2.62
N ALA D 71 13.62 -19.82 2.64
CA ALA D 71 13.65 -18.39 2.95
C ALA D 71 13.68 -17.55 1.67
N LEU D 72 12.70 -16.69 1.50
CA LEU D 72 12.64 -15.84 0.32
C LEU D 72 13.43 -14.56 0.55
N SER D 73 14.30 -14.24 -0.42
CA SER D 73 15.02 -12.98 -0.42
C SER D 73 14.09 -11.83 -0.84
N PRO D 74 14.52 -10.58 -0.63
CA PRO D 74 13.69 -9.48 -1.13
C PRO D 74 13.33 -9.65 -2.61
N THR D 75 14.29 -10.04 -3.45
CA THR D 75 14.00 -10.21 -4.87
C THR D 75 12.96 -11.32 -5.13
N GLU D 76 13.05 -12.42 -4.40
CA GLU D 76 12.09 -13.50 -4.57
C GLU D 76 10.67 -13.06 -4.12
N VAL D 77 10.63 -12.27 -3.06
CA VAL D 77 9.35 -11.65 -2.62
C VAL D 77 8.79 -10.76 -3.74
N GLY D 78 9.66 -9.97 -4.37
CA GLY D 78 9.25 -9.15 -5.50
C GLY D 78 8.66 -9.98 -6.62
N SER D 79 9.24 -11.15 -6.83
CA SER D 79 8.73 -12.04 -7.82
C SER D 79 7.26 -12.43 -7.51
N LEU D 80 6.99 -12.77 -6.28
CA LEU D 80 5.66 -13.23 -5.90
C LEU D 80 4.67 -12.08 -5.93
N ILE D 81 5.08 -10.90 -5.43
CA ILE D 81 4.13 -9.81 -5.37
C ILE D 81 3.75 -9.30 -6.76
N SER D 82 4.62 -9.58 -7.74
CA SER D 82 4.43 -9.12 -9.12
C SER D 82 3.66 -10.10 -9.98
N MET D 83 3.23 -11.21 -9.39
CA MET D 83 2.57 -12.25 -10.15
C MET D 83 1.10 -11.96 -10.37
N GLY D 84 0.67 -12.06 -11.62
CA GLY D 84 -0.73 -11.97 -11.94
C GLY D 84 -1.31 -13.37 -11.93
N SER D 85 -2.59 -13.50 -12.28
CA SER D 85 -3.34 -14.76 -12.13
C SER D 85 -2.86 -15.81 -13.13
N LYS D 86 -2.17 -15.39 -14.19
CA LYS D 86 -1.60 -16.33 -15.15
C LYS D 86 -0.10 -16.52 -15.05
N ASP D 87 0.56 -15.89 -14.08
CA ASP D 87 2.02 -15.96 -13.96
C ASP D 87 2.48 -17.15 -13.12
N SER D 88 3.73 -17.55 -13.34
CA SER D 88 4.43 -18.55 -12.51
C SER D 88 5.74 -17.98 -11.99
N SER D 89 6.21 -18.51 -10.87
CA SER D 89 7.57 -18.29 -10.40
C SER D 89 8.18 -19.62 -10.01
N GLU D 90 9.50 -19.73 -10.15
CA GLU D 90 10.25 -20.86 -9.61
C GLU D 90 11.61 -20.37 -9.13
N PHE D 91 11.94 -20.74 -7.90
CA PHE D 91 13.17 -20.33 -7.25
C PHE D 91 13.99 -21.57 -6.91
N PHE D 92 15.28 -21.51 -7.25
CA PHE D 92 16.22 -22.58 -6.95
C PHE D 92 17.25 -22.12 -5.95
N HIS D 93 17.34 -22.83 -4.86
CA HIS D 93 18.37 -22.60 -3.88
C HIS D 93 19.30 -23.82 -3.88
N ASP D 94 20.61 -23.60 -3.83
CA ASP D 94 21.54 -24.71 -3.62
C ASP D 94 22.83 -24.19 -3.06
N PRO D 95 23.75 -25.09 -2.67
CA PRO D 95 23.57 -26.54 -2.58
C PRO D 95 22.71 -26.95 -1.40
N VAL D 105 21.06 -28.45 2.02
CA VAL D 105 20.60 -29.35 0.98
C VAL D 105 19.91 -28.56 -0.12
N ARG D 106 19.66 -29.19 -1.26
CA ARG D 106 19.09 -28.52 -2.44
C ARG D 106 17.56 -28.41 -2.40
N LYS D 107 17.07 -27.16 -2.53
CA LYS D 107 15.62 -26.91 -2.51
C LYS D 107 15.18 -26.02 -3.65
N SER D 108 13.94 -26.22 -4.07
CA SER D 108 13.33 -25.29 -5.00
C SER D 108 11.85 -25.07 -4.66
N LEU D 109 11.35 -23.91 -5.06
CA LEU D 109 9.98 -23.50 -4.72
C LEU D 109 9.33 -23.02 -5.98
N SER D 110 8.17 -23.54 -6.27
CA SER D 110 7.40 -23.10 -7.43
C SER D 110 6.02 -22.59 -7.03
N VAL D 111 5.55 -21.60 -7.79
CA VAL D 111 4.21 -21.07 -7.65
C VAL D 111 3.62 -21.11 -9.04
N LYS D 112 2.65 -22.00 -9.23
CA LYS D 112 2.05 -22.25 -10.54
C LYS D 112 0.53 -22.06 -10.51
N PRO D 113 -0.02 -21.32 -11.48
CA PRO D 113 -1.44 -20.92 -11.43
C PRO D 113 -2.43 -21.98 -11.86
N HIS D 114 -3.62 -22.01 -11.27
CA HIS D 114 -4.69 -22.87 -11.80
C HIS D 114 -5.17 -22.23 -13.09
N ALA D 115 -5.45 -23.06 -14.10
CA ALA D 115 -5.88 -22.55 -15.40
C ALA D 115 -7.08 -21.60 -15.32
N ASP D 116 -7.97 -21.81 -14.37
CA ASP D 116 -9.17 -20.99 -14.23
C ASP D 116 -8.91 -19.67 -13.48
N GLY D 117 -7.68 -19.46 -13.05
CA GLY D 117 -7.30 -18.23 -12.36
C GLY D 117 -7.77 -18.17 -10.92
N SER D 118 -8.13 -19.31 -10.31
CA SER D 118 -8.72 -19.27 -8.99
C SER D 118 -7.68 -19.45 -7.87
N GLY D 119 -6.42 -19.57 -8.24
CA GLY D 119 -5.38 -19.80 -7.25
C GLY D 119 -4.15 -20.42 -7.87
N TYR D 120 -3.34 -21.04 -7.00
CA TYR D 120 -2.02 -21.52 -7.38
C TYR D 120 -1.72 -22.79 -6.60
N PHE D 121 -0.77 -23.58 -7.09
CA PHE D 121 -0.12 -24.55 -6.24
C PHE D 121 1.21 -23.91 -5.86
N ILE D 122 1.52 -23.99 -4.58
CA ILE D 122 2.82 -23.61 -4.08
C ILE D 122 3.50 -24.87 -3.59
N SER D 123 4.63 -25.18 -4.19
CA SER D 123 5.27 -26.47 -3.97
C SER D 123 6.75 -26.36 -3.67
N LEU D 124 7.19 -27.11 -2.68
CA LEU D 124 8.56 -27.15 -2.25
C LEU D 124 9.15 -28.52 -2.57
N SER D 125 10.29 -28.50 -3.27
CA SER D 125 11.06 -29.71 -3.55
C SER D 125 12.30 -29.68 -2.70
N VAL D 126 12.57 -30.79 -2.03
CA VAL D 126 13.73 -30.87 -1.14
C VAL D 126 14.53 -32.13 -1.48
N ASN D 127 15.74 -31.95 -1.99
CA ASN D 127 16.59 -33.09 -2.35
C ASN D 127 17.75 -33.22 -1.40
N ASN D 128 17.72 -34.27 -0.59
CA ASN D 128 18.86 -34.62 0.24
C ASN D 128 19.72 -35.67 -0.44
N SER D 129 20.95 -35.30 -0.78
CA SER D 129 21.86 -36.19 -1.48
C SER D 129 22.58 -37.12 -0.52
N ILE D 130 22.70 -36.70 0.74
CA ILE D 130 23.23 -37.56 1.79
C ILE D 130 22.39 -38.83 1.85
N LEU D 131 21.10 -38.63 2.14
CA LEU D 131 20.19 -39.73 2.42
C LEU D 131 19.52 -40.27 1.15
N LYS D 132 19.78 -39.62 0.02
CA LYS D 132 19.19 -40.00 -1.26
C LYS D 132 17.66 -39.99 -1.24
N THR D 133 17.09 -38.83 -0.92
CA THR D 133 15.64 -38.66 -0.90
C THR D 133 15.23 -37.40 -1.66
N ASN D 134 14.03 -37.44 -2.21
CA ASN D 134 13.40 -36.29 -2.84
C ASN D 134 11.97 -36.16 -2.31
N ASP D 135 11.72 -35.08 -1.57
CA ASP D 135 10.42 -34.81 -0.94
C ASP D 135 9.73 -33.61 -1.65
N TYR D 136 8.45 -33.78 -2.00
CA TYR D 136 7.66 -32.77 -2.67
C TYR D 136 6.46 -32.41 -1.79
N PHE D 137 6.41 -31.16 -1.36
CA PHE D 137 5.36 -30.63 -0.50
C PHE D 137 4.50 -29.70 -1.34
N VAL D 138 3.25 -30.07 -1.54
CA VAL D 138 2.38 -29.36 -2.49
C VAL D 138 1.19 -28.77 -1.76
N VAL D 139 1.00 -27.47 -1.88
CA VAL D 139 -0.06 -26.79 -1.15
C VAL D 139 -0.85 -25.87 -2.09
N PRO D 140 -2.12 -26.21 -2.35
CA PRO D 140 -2.91 -25.27 -3.11
C PRO D 140 -3.20 -24.03 -2.27
N VAL D 141 -3.28 -22.90 -2.96
CA VAL D 141 -3.57 -21.62 -2.34
C VAL D 141 -4.63 -20.91 -3.18
N THR D 142 -5.71 -20.47 -2.55
CA THR D 142 -6.76 -19.76 -3.28
C THR D 142 -6.34 -18.33 -3.64
N LYS D 143 -7.09 -17.73 -4.54
CA LYS D 143 -6.90 -16.34 -4.88
C LYS D 143 -6.85 -15.48 -3.60
N ALA D 144 -7.79 -15.73 -2.70
CA ALA D 144 -7.87 -14.95 -1.44
C ALA D 144 -6.62 -15.13 -0.58
N GLU D 145 -6.20 -16.38 -0.43
CA GLU D 145 -5.01 -16.72 0.35
C GLU D 145 -3.74 -16.09 -0.27
N PHE D 146 -3.62 -16.10 -1.60
CA PHE D 146 -2.48 -15.50 -2.22
C PHE D 146 -2.49 -13.97 -2.07
N ALA D 147 -3.69 -13.39 -2.02
CA ALA D 147 -3.86 -11.95 -1.80
C ALA D 147 -3.39 -11.56 -0.40
N VAL D 148 -3.68 -12.39 0.58
CA VAL D 148 -3.11 -12.19 1.91
C VAL D 148 -1.59 -12.20 1.82
N MET D 149 -1.03 -13.23 1.17
CA MET D 149 0.44 -13.27 1.06
C MET D 149 0.99 -12.03 0.36
N LYS D 150 0.39 -11.64 -0.76
CA LYS D 150 0.91 -10.50 -1.53
C LYS D 150 0.86 -9.22 -0.65
N THR D 151 -0.24 -9.03 0.05
CA THR D 151 -0.37 -7.83 0.90
C THR D 151 0.62 -7.86 2.08
N ALA D 152 0.67 -8.98 2.77
CA ALA D 152 1.55 -9.15 3.93
C ALA D 152 2.99 -9.05 3.52
N PHE D 153 3.34 -9.67 2.39
CA PHE D 153 4.70 -9.61 1.89
C PHE D 153 5.10 -8.20 1.47
N SER D 154 4.23 -7.48 0.75
CA SER D 154 4.48 -6.09 0.37
C SER D 154 4.69 -5.21 1.60
N PHE D 155 3.87 -5.44 2.63
CA PHE D 155 4.10 -4.78 3.93
C PHE D 155 5.44 -5.13 4.52
N ALA D 156 5.81 -6.39 4.50
CA ALA D 156 7.03 -6.83 5.15
C ALA D 156 8.30 -6.42 4.36
N LEU D 157 8.17 -6.18 3.05
CA LEU D 157 9.34 -6.05 2.18
C LEU D 157 10.28 -4.90 2.62
N PRO D 158 9.73 -3.71 2.87
CA PRO D 158 10.61 -2.61 3.34
C PRO D 158 11.30 -2.93 4.65
N HIS D 159 10.63 -3.67 5.51
CA HIS D 159 11.21 -4.07 6.78
C HIS D 159 12.33 -5.08 6.59
N ILE D 160 12.12 -6.09 5.75
CA ILE D 160 13.20 -7.06 5.55
C ILE D 160 14.39 -6.46 4.75
N MET D 161 14.14 -5.41 3.98
CA MET D 161 15.20 -4.70 3.26
C MET D 161 15.99 -3.70 4.12
N GLY D 162 15.49 -3.45 5.33
CA GLY D 162 16.01 -2.42 6.22
C GLY D 162 15.70 -0.98 5.81
N TRP D 163 14.56 -0.75 5.17
CA TRP D 163 14.11 0.61 4.88
C TRP D 163 13.14 1.16 5.89
N ASN D 164 12.57 0.32 6.74
CA ASN D 164 11.64 0.88 7.72
C ASN D 164 12.29 2.01 8.56
#